data_9HG4
#
_entry.id   9HG4
#
_cell.length_a   96.238
_cell.length_b   96.238
_cell.length_c   262.701
_cell.angle_alpha   90
_cell.angle_beta   90
_cell.angle_gamma   120
#
_symmetry.space_group_name_H-M   'P 61 2 2'
#
loop_
_entity.id
_entity.type
_entity.pdbx_description
1 polymer 'NACHT, LRR and PYD domains-containing protein 3'
2 non-polymer 1-[azanyl-oxidanylidene-[2-(2-oxidanylpropan-2-yl)-1,3-thiazol-5-yl]-$l^{6}-sulfanylidene]-3-(1,2,3,5,6,7-hexahydro-s-indacen-4-yl)urea
3 non-polymer "ADENOSINE-5'-DIPHOSPHATE"
4 water water
#
_entity_poly.entity_id   1
_entity_poly.type   'polypeptide(L)'
_entity_poly.pdbx_seq_one_letter_code
;GKMKKDYRKKYRKYVRSRFQCIEDRNARLGESVSLNKRYTRLRLIKEHRSQQEREQELLAIGKTKTCESPVSPIKMELLF
DPDDEHSEPVHTVVFQGAAGIGKTILARKMMLDWASGTLYQDRFDYLFYIHCREVSLVTQRSLGDLIMSCCPDPNPPIHK
IVRKPSRILFLMDGFDELQGAFDEHIGPLCTDWQKAERGDILLSSLIRKKLLPEASLLITTRPVALEKLQHLLDHPRHVE
ILGFSEAKRKEYFFKYFSDEAQARAAFSLIQENEVLFTMCFIPLVCWIVCTGLKQQMESGKSLAQTSKTTTAVYVFFLSS
LLQPRGGSQEHGLCAHLWGLCSLAADGIWNQKILFEESDLRNHGLQKADVSAFLRMNLFQKEVDCEKFYSFIHMTFQEFF
AAMYYLLEEEKEGRTNVPGSRLKLPSRDVTVLLENYGKFEKGYLIFVVRFLFGLVNQERTSYLEKKLSCKISQQIRLELL
KWIEVKAKAKKLQIQPSQLELFYCLYEMQEEDFVQRAMDYFPKIEINLSTRMDHMVSSFCIENCHRVESL
;
_entity_poly.pdbx_strand_id   A
#
# COMPACT_ATOMS: atom_id res chain seq x y z
N LYS A 5 33.08 -13.12 4.15
CA LYS A 5 33.31 -13.12 5.60
C LYS A 5 33.57 -11.67 6.09
N ASP A 6 34.61 -11.02 5.55
CA ASP A 6 34.89 -9.64 5.89
C ASP A 6 33.90 -8.73 5.16
N TYR A 7 33.50 -9.08 3.91
CA TYR A 7 32.50 -8.26 3.22
C TYR A 7 31.12 -8.45 3.82
N ARG A 8 30.78 -9.68 4.28
CA ARG A 8 29.50 -9.91 4.94
C ARG A 8 29.35 -9.00 6.16
N LYS A 9 30.45 -8.79 6.91
CA LYS A 9 30.48 -7.94 8.08
C LYS A 9 30.27 -6.47 7.69
N LYS A 10 30.96 -6.02 6.63
CA LYS A 10 30.83 -4.65 6.15
C LYS A 10 29.40 -4.38 5.65
N TYR A 11 28.79 -5.38 5.00
CA TYR A 11 27.43 -5.28 4.46
C TYR A 11 26.40 -5.22 5.58
N ARG A 12 26.50 -6.13 6.56
CA ARG A 12 25.60 -6.19 7.69
C ARG A 12 25.63 -4.89 8.47
N LYS A 13 26.83 -4.27 8.63
CA LYS A 13 26.98 -2.98 9.33
C LYS A 13 26.20 -1.89 8.61
N TYR A 14 26.28 -1.87 7.27
CA TYR A 14 25.60 -0.91 6.43
C TYR A 14 24.08 -1.08 6.56
N VAL A 15 23.60 -2.34 6.55
CA VAL A 15 22.17 -2.64 6.67
C VAL A 15 21.63 -2.21 8.02
N ARG A 16 22.43 -2.41 9.09
CA ARG A 16 22.05 -2.00 10.43
C ARG A 16 21.85 -0.50 10.51
N SER A 17 22.67 0.28 9.82
CA SER A 17 22.54 1.73 9.87
C SER A 17 21.39 2.26 9.01
N ARG A 18 21.28 1.78 7.76
CA ARG A 18 20.25 2.31 6.86
C ARG A 18 18.83 1.79 7.19
N PHE A 19 18.70 0.74 7.99
CA PHE A 19 17.38 0.25 8.38
C PHE A 19 17.07 0.52 9.85
N GLN A 20 17.60 1.61 10.40
CA GLN A 20 17.34 1.93 11.80
C GLN A 20 16.00 2.60 12.02
N CYS A 21 15.46 3.27 11.00
CA CYS A 21 14.22 4.01 11.15
C CYS A 21 13.10 3.48 10.22
N ILE A 22 11.85 3.82 10.56
CA ILE A 22 10.67 3.53 9.76
C ILE A 22 10.70 4.45 8.50
N GLU A 23 11.15 5.72 8.66
CA GLU A 23 11.19 6.74 7.63
C GLU A 23 12.19 6.47 6.48
N ASP A 24 13.46 6.14 6.81
CA ASP A 24 14.55 5.94 5.85
C ASP A 24 14.19 5.07 4.64
N LEU A 35 13.68 5.44 14.53
CA LEU A 35 13.95 4.48 15.61
C LEU A 35 12.86 3.41 15.62
N ASN A 36 13.25 2.14 15.37
CA ASN A 36 12.27 1.06 15.31
C ASN A 36 11.91 0.53 16.74
N LYS A 37 11.54 1.48 17.60
CA LYS A 37 10.98 1.32 18.95
C LYS A 37 9.45 1.61 18.94
N ARG A 38 8.93 2.26 17.86
CA ARG A 38 7.50 2.47 17.63
C ARG A 38 6.85 1.25 16.89
N TYR A 39 7.66 0.25 16.46
CA TYR A 39 7.18 -0.93 15.78
C TYR A 39 6.26 -1.71 16.73
N THR A 40 5.08 -2.07 16.25
CA THR A 40 4.14 -2.84 17.04
C THR A 40 3.93 -4.17 16.31
N ARG A 41 3.92 -5.27 17.04
CA ARG A 41 3.80 -6.59 16.45
C ARG A 41 2.58 -6.75 15.53
N LEU A 42 2.81 -7.23 14.32
CA LEU A 42 1.75 -7.47 13.34
C LEU A 42 1.34 -8.93 13.40
N ARG A 43 0.06 -9.21 13.14
CA ARG A 43 -0.44 -10.58 13.16
C ARG A 43 -0.19 -11.21 11.80
N LEU A 44 0.45 -12.39 11.79
CA LEU A 44 0.73 -13.11 10.56
C LEU A 44 0.17 -14.51 10.61
N ILE A 45 -0.51 -14.96 9.55
CA ILE A 45 -1.08 -16.31 9.52
C ILE A 45 -0.71 -17.09 8.27
N LYS A 46 -0.52 -18.40 8.40
CA LYS A 46 -0.20 -19.25 7.26
C LYS A 46 -1.49 -19.66 6.56
N GLU A 47 -1.46 -19.87 5.24
CA GLU A 47 -2.65 -20.25 4.48
C GLU A 47 -2.61 -21.72 4.00
N PRO A 73 -0.46 -18.01 13.62
CA PRO A 73 0.63 -17.42 14.43
C PRO A 73 2.00 -17.92 13.98
N ILE A 74 2.40 -17.59 12.76
CA ILE A 74 3.66 -18.04 12.21
C ILE A 74 4.87 -17.31 12.87
N LYS A 75 5.91 -18.09 13.21
CA LYS A 75 7.13 -17.58 13.81
C LYS A 75 8.06 -17.20 12.67
N MET A 76 8.50 -15.94 12.64
CA MET A 76 9.39 -15.41 11.61
C MET A 76 10.61 -16.27 11.33
N GLU A 77 11.30 -16.72 12.37
CA GLU A 77 12.50 -17.55 12.23
C GLU A 77 12.21 -18.88 11.51
N LEU A 78 10.98 -19.39 11.60
CA LEU A 78 10.62 -20.68 10.99
C LEU A 78 9.91 -20.57 9.64
N LEU A 79 9.86 -19.36 9.05
CA LEU A 79 9.22 -19.07 7.77
C LEU A 79 9.71 -19.93 6.62
N PHE A 80 11.01 -20.22 6.58
CA PHE A 80 11.58 -20.99 5.49
C PHE A 80 11.75 -22.48 5.78
N ASP A 81 11.29 -22.94 6.94
CA ASP A 81 11.43 -24.34 7.32
C ASP A 81 10.38 -25.18 6.68
N PRO A 82 10.77 -26.35 6.14
CA PRO A 82 9.77 -27.25 5.58
C PRO A 82 8.87 -27.81 6.68
N ASP A 83 7.62 -28.09 6.36
CA ASP A 83 6.70 -28.66 7.34
C ASP A 83 6.90 -30.18 7.32
N ASP A 84 6.68 -30.80 6.13
CA ASP A 84 6.86 -32.22 5.81
C ASP A 84 7.34 -32.33 4.34
N GLU A 85 8.23 -31.42 3.91
CA GLU A 85 8.76 -31.44 2.55
C GLU A 85 10.06 -32.26 2.50
N HIS A 86 10.12 -33.38 3.28
CA HIS A 86 11.23 -34.35 3.39
C HIS A 86 12.62 -33.71 3.63
N SER A 87 12.65 -32.57 4.38
CA SER A 87 13.83 -31.78 4.75
C SER A 87 14.28 -30.78 3.67
N GLU A 88 13.46 -30.56 2.62
CA GLU A 88 13.81 -29.58 1.60
C GLU A 88 13.15 -28.24 1.91
N PRO A 89 13.96 -27.19 2.16
CA PRO A 89 13.40 -25.88 2.55
C PRO A 89 12.50 -25.22 1.52
N VAL A 90 11.73 -24.26 2.00
CA VAL A 90 10.85 -23.48 1.17
C VAL A 90 11.68 -22.33 0.64
N HIS A 91 11.68 -22.10 -0.68
CA HIS A 91 12.48 -21.02 -1.24
C HIS A 91 11.68 -19.76 -1.55
N THR A 92 10.34 -19.83 -1.61
CA THR A 92 9.53 -18.65 -1.91
C THR A 92 8.44 -18.42 -0.87
N VAL A 93 8.44 -17.25 -0.23
CA VAL A 93 7.43 -16.90 0.76
C VAL A 93 6.73 -15.64 0.26
N VAL A 94 5.39 -15.66 0.21
CA VAL A 94 4.64 -14.49 -0.23
C VAL A 94 3.83 -13.92 0.93
N PHE A 95 4.07 -12.65 1.26
CA PHE A 95 3.31 -11.96 2.29
C PHE A 95 2.27 -11.11 1.61
N GLN A 96 0.99 -11.49 1.69
CA GLN A 96 -0.07 -10.67 1.14
C GLN A 96 -0.61 -9.79 2.26
N GLY A 97 -0.84 -8.53 1.97
CA GLY A 97 -1.36 -7.60 2.97
C GLY A 97 -2.01 -6.40 2.34
N ALA A 98 -3.10 -5.95 2.94
CA ALA A 98 -3.82 -4.78 2.44
C ALA A 98 -2.93 -3.52 2.41
N ALA A 99 -3.29 -2.49 1.63
CA ALA A 99 -2.50 -1.26 1.58
C ALA A 99 -2.48 -0.61 2.97
N GLY A 100 -1.31 -0.23 3.43
CA GLY A 100 -1.14 0.34 4.75
C GLY A 100 -1.08 -0.67 5.89
N ILE A 101 -1.14 -1.98 5.59
CA ILE A 101 -1.09 -3.02 6.64
C ILE A 101 0.28 -3.12 7.32
N GLY A 102 1.34 -2.63 6.67
CA GLY A 102 2.67 -2.69 7.25
C GLY A 102 3.64 -3.62 6.54
N LYS A 103 3.47 -3.83 5.22
CA LYS A 103 4.36 -4.69 4.44
C LYS A 103 5.79 -4.11 4.44
N THR A 104 5.94 -2.80 4.20
CA THR A 104 7.24 -2.15 4.21
C THR A 104 7.87 -2.17 5.58
N ILE A 105 7.11 -1.85 6.62
CA ILE A 105 7.63 -1.84 7.99
C ILE A 105 8.08 -3.26 8.39
N LEU A 106 7.33 -4.30 7.97
CA LEU A 106 7.71 -5.67 8.27
C LEU A 106 8.97 -6.05 7.52
N ALA A 107 9.09 -5.65 6.25
CA ALA A 107 10.29 -5.92 5.46
C ALA A 107 11.50 -5.19 6.04
N ARG A 108 11.36 -3.92 6.42
CA ARG A 108 12.46 -3.15 7.02
C ARG A 108 12.86 -3.72 8.37
N LYS A 109 11.90 -4.20 9.17
CA LYS A 109 12.21 -4.82 10.46
C LYS A 109 12.97 -6.12 10.26
N MET A 110 12.65 -6.88 9.21
CA MET A 110 13.31 -8.12 8.86
C MET A 110 14.77 -7.83 8.51
N MET A 111 15.03 -6.74 7.76
CA MET A 111 16.37 -6.35 7.39
C MET A 111 17.19 -6.01 8.63
N LEU A 112 16.58 -5.24 9.55
CA LEU A 112 17.25 -4.81 10.77
C LEU A 112 17.53 -5.95 11.70
N ASP A 113 16.56 -6.84 11.89
CA ASP A 113 16.75 -7.97 12.78
C ASP A 113 17.82 -8.91 12.29
N TRP A 114 17.81 -9.23 10.98
CA TRP A 114 18.84 -10.08 10.40
C TRP A 114 20.25 -9.43 10.56
N ALA A 115 20.38 -8.15 10.19
CA ALA A 115 21.65 -7.45 10.29
C ALA A 115 22.18 -7.38 11.73
N SER A 116 21.27 -7.40 12.71
CA SER A 116 21.63 -7.38 14.13
C SER A 116 21.90 -8.78 14.70
N GLY A 117 21.80 -9.82 13.89
CA GLY A 117 22.03 -11.18 14.36
C GLY A 117 20.88 -11.80 15.11
N THR A 118 19.67 -11.26 14.92
CA THR A 118 18.44 -11.70 15.59
C THR A 118 17.61 -12.65 14.70
N LEU A 119 17.75 -12.54 13.36
CA LEU A 119 16.93 -13.31 12.46
C LEU A 119 17.71 -13.94 11.33
N TYR A 120 17.51 -15.26 11.11
CA TYR A 120 18.15 -16.07 10.08
C TYR A 120 19.67 -15.98 10.16
N GLN A 121 20.24 -15.84 11.38
CA GLN A 121 21.69 -15.69 11.54
C GLN A 121 22.49 -16.82 10.92
N ASP A 122 22.04 -18.06 11.16
CA ASP A 122 22.73 -19.22 10.61
C ASP A 122 22.15 -19.70 9.26
N ARG A 123 21.16 -18.98 8.69
CA ARG A 123 20.54 -19.37 7.43
C ARG A 123 20.98 -18.53 6.22
N PHE A 124 21.09 -17.20 6.39
CA PHE A 124 21.44 -16.32 5.28
C PHE A 124 22.62 -15.45 5.52
N ASP A 125 23.56 -15.52 4.58
CA ASP A 125 24.76 -14.70 4.53
C ASP A 125 24.40 -13.28 4.10
N TYR A 126 23.39 -13.14 3.20
CA TYR A 126 22.95 -11.83 2.69
C TYR A 126 21.44 -11.76 2.54
N LEU A 127 20.89 -10.60 2.87
CA LEU A 127 19.49 -10.26 2.64
C LEU A 127 19.58 -9.03 1.75
N PHE A 128 18.97 -9.09 0.56
CA PHE A 128 19.00 -7.95 -0.36
C PHE A 128 17.64 -7.34 -0.45
N TYR A 129 17.54 -6.07 -0.07
CA TYR A 129 16.26 -5.40 -0.10
C TYR A 129 16.01 -4.75 -1.44
N ILE A 130 15.03 -5.27 -2.16
CA ILE A 130 14.61 -4.76 -3.46
C ILE A 130 13.34 -3.93 -3.28
N HIS A 131 13.50 -2.60 -3.27
CA HIS A 131 12.36 -1.71 -3.13
C HIS A 131 11.77 -1.58 -4.50
N CYS A 132 10.68 -2.31 -4.76
CA CYS A 132 10.02 -2.41 -6.04
C CYS A 132 9.66 -1.10 -6.71
N ARG A 133 9.26 -0.07 -5.93
CA ARG A 133 8.91 1.23 -6.51
C ARG A 133 10.08 1.94 -7.20
N GLU A 134 11.34 1.53 -6.89
CA GLU A 134 12.55 2.08 -7.48
C GLU A 134 13.08 1.27 -8.67
N VAL A 135 12.54 0.06 -8.91
CA VAL A 135 13.03 -0.81 -9.96
C VAL A 135 12.28 -0.56 -11.26
N SER A 136 13.01 -0.16 -12.30
CA SER A 136 12.41 0.10 -13.60
C SER A 136 12.11 -1.20 -14.29
N LEU A 137 10.93 -1.32 -14.89
CA LEU A 137 10.60 -2.53 -15.61
C LEU A 137 11.09 -2.53 -17.05
N VAL A 138 11.72 -1.41 -17.51
CA VAL A 138 12.18 -1.37 -18.89
C VAL A 138 13.70 -1.29 -18.99
N THR A 139 14.37 -0.56 -18.08
CA THR A 139 15.84 -0.46 -18.09
C THR A 139 16.50 -1.85 -18.06
N GLN A 140 17.51 -2.06 -18.93
CA GLN A 140 18.22 -3.32 -18.97
C GLN A 140 19.25 -3.34 -17.86
N ARG A 141 19.26 -4.42 -17.11
CA ARG A 141 20.11 -4.59 -15.94
C ARG A 141 20.31 -6.06 -15.69
N SER A 142 21.44 -6.42 -15.10
CA SER A 142 21.70 -7.81 -14.75
C SER A 142 21.32 -8.03 -13.28
N LEU A 143 21.22 -9.30 -12.84
CA LEU A 143 20.96 -9.57 -11.42
C LEU A 143 22.14 -9.09 -10.57
N GLY A 144 23.35 -9.13 -11.13
CA GLY A 144 24.55 -8.62 -10.50
C GLY A 144 24.44 -7.13 -10.26
N ASP A 145 23.98 -6.37 -11.27
CA ASP A 145 23.79 -4.92 -11.13
C ASP A 145 22.75 -4.64 -10.06
N LEU A 146 21.67 -5.42 -10.03
CA LEU A 146 20.63 -5.28 -9.02
C LEU A 146 21.19 -5.52 -7.61
N ILE A 147 21.95 -6.61 -7.40
CA ILE A 147 22.55 -6.90 -6.10
C ILE A 147 23.52 -5.78 -5.69
N MET A 148 24.33 -5.29 -6.63
CA MET A 148 25.28 -4.22 -6.36
C MET A 148 24.59 -2.93 -5.97
N SER A 149 23.39 -2.65 -6.52
CA SER A 149 22.66 -1.44 -6.15
C SER A 149 22.19 -1.44 -4.68
N CYS A 150 22.11 -2.64 -4.06
CA CYS A 150 21.77 -2.80 -2.65
C CYS A 150 23.00 -2.64 -1.74
N CYS A 151 24.22 -2.54 -2.31
CA CYS A 151 25.46 -2.47 -1.57
C CYS A 151 25.94 -1.04 -1.34
N PRO A 152 26.74 -0.80 -0.28
CA PRO A 152 27.13 0.59 0.05
C PRO A 152 28.20 1.22 -0.83
N ASP A 153 29.17 0.41 -1.19
CA ASP A 153 30.34 0.76 -1.96
C ASP A 153 30.16 0.55 -3.46
N PRO A 154 30.94 1.29 -4.28
CA PRO A 154 30.82 1.16 -5.73
C PRO A 154 31.38 -0.16 -6.29
N ASN A 155 32.34 -0.80 -5.59
CA ASN A 155 32.85 -2.09 -6.07
C ASN A 155 32.66 -3.26 -5.10
N PRO A 156 31.42 -3.77 -4.99
CA PRO A 156 31.17 -4.93 -4.12
C PRO A 156 31.73 -6.21 -4.73
N PRO A 157 32.11 -7.20 -3.91
CA PRO A 157 32.63 -8.46 -4.48
C PRO A 157 31.49 -9.38 -4.94
N ILE A 158 30.85 -9.01 -6.04
CA ILE A 158 29.68 -9.68 -6.57
C ILE A 158 29.91 -11.15 -6.86
N HIS A 159 31.09 -11.52 -7.36
CA HIS A 159 31.39 -12.92 -7.64
C HIS A 159 31.48 -13.76 -6.36
N LYS A 160 31.93 -13.13 -5.27
CA LYS A 160 32.01 -13.78 -3.97
C LYS A 160 30.61 -13.98 -3.40
N ILE A 161 29.76 -12.92 -3.49
CA ILE A 161 28.39 -12.92 -2.99
C ILE A 161 27.57 -14.03 -3.61
N VAL A 162 27.61 -14.15 -4.92
CA VAL A 162 26.84 -15.11 -5.68
C VAL A 162 27.40 -16.54 -5.68
N ARG A 163 28.54 -16.77 -4.99
CA ARG A 163 29.14 -18.08 -4.89
C ARG A 163 28.24 -19.07 -4.17
N LYS A 164 27.44 -18.61 -3.20
CA LYS A 164 26.51 -19.47 -2.48
C LYS A 164 25.11 -18.89 -2.61
N PRO A 165 24.42 -19.16 -3.72
CA PRO A 165 23.08 -18.61 -3.91
C PRO A 165 22.07 -18.98 -2.83
N SER A 166 22.11 -20.22 -2.31
CA SER A 166 21.17 -20.66 -1.26
C SER A 166 21.29 -19.83 0.03
N ARG A 167 22.44 -19.15 0.24
CA ARG A 167 22.65 -18.31 1.42
C ARG A 167 22.15 -16.87 1.19
N ILE A 168 21.40 -16.61 0.09
CA ILE A 168 20.87 -15.29 -0.24
C ILE A 168 19.37 -15.29 -0.13
N LEU A 169 18.81 -14.26 0.52
CA LEU A 169 17.37 -14.06 0.57
C LEU A 169 17.13 -12.72 -0.12
N PHE A 170 16.30 -12.73 -1.17
CA PHE A 170 15.94 -11.50 -1.86
C PHE A 170 14.61 -11.08 -1.26
N LEU A 171 14.57 -9.90 -0.68
CA LEU A 171 13.39 -9.38 -0.06
C LEU A 171 12.77 -8.34 -1.00
N MET A 172 11.81 -8.78 -1.85
CA MET A 172 11.10 -7.94 -2.82
C MET A 172 9.93 -7.24 -2.14
N ASP A 173 10.13 -5.98 -1.73
CA ASP A 173 9.08 -5.24 -1.04
C ASP A 173 8.17 -4.42 -1.95
N GLY A 174 6.92 -4.85 -2.02
CA GLY A 174 5.89 -4.15 -2.78
C GLY A 174 5.81 -4.53 -4.22
N PHE A 175 5.47 -5.79 -4.52
CA PHE A 175 5.32 -6.28 -5.89
C PHE A 175 4.34 -5.44 -6.70
N ASP A 176 3.21 -5.07 -6.09
CA ASP A 176 2.18 -4.24 -6.72
C ASP A 176 2.67 -2.81 -7.06
N GLU A 177 3.80 -2.38 -6.52
CA GLU A 177 4.35 -1.03 -6.75
C GLU A 177 5.38 -0.95 -7.86
N LEU A 178 5.55 -2.03 -8.65
CA LEU A 178 6.44 -2.01 -9.80
C LEU A 178 5.72 -1.15 -10.84
N GLN A 179 6.35 -0.04 -11.26
CA GLN A 179 5.68 0.88 -12.20
C GLN A 179 5.65 0.35 -13.62
N GLY A 180 4.47 0.43 -14.24
CA GLY A 180 4.29 -0.05 -15.59
C GLY A 180 3.62 -1.41 -15.66
N ALA A 181 3.55 -2.01 -16.85
CA ALA A 181 2.92 -3.32 -17.01
C ALA A 181 3.86 -4.46 -16.65
N PHE A 182 3.33 -5.47 -15.95
CA PHE A 182 4.12 -6.64 -15.60
C PHE A 182 3.42 -7.80 -16.26
N ASP A 183 3.80 -8.06 -17.50
CA ASP A 183 3.14 -9.09 -18.28
C ASP A 183 3.56 -10.50 -17.95
N GLU A 184 2.60 -11.43 -17.97
CA GLU A 184 2.82 -12.84 -17.69
C GLU A 184 3.46 -13.59 -18.86
N HIS A 185 3.30 -13.06 -20.07
CA HIS A 185 3.81 -13.67 -21.31
C HIS A 185 5.26 -13.30 -21.64
N ILE A 186 5.88 -12.42 -20.85
CA ILE A 186 7.23 -11.91 -21.08
C ILE A 186 8.28 -13.02 -21.18
N GLY A 187 9.32 -12.77 -21.96
CA GLY A 187 10.37 -13.76 -22.15
C GLY A 187 11.36 -13.39 -23.23
N PRO A 188 12.35 -14.27 -23.53
CA PRO A 188 12.64 -15.58 -22.89
C PRO A 188 13.21 -15.41 -21.48
N LEU A 189 13.04 -16.44 -20.65
CA LEU A 189 13.56 -16.36 -19.29
C LEU A 189 15.08 -16.45 -19.24
N CYS A 190 15.66 -15.72 -18.29
CA CYS A 190 17.09 -15.57 -18.09
C CYS A 190 17.63 -16.52 -17.03
N THR A 191 18.74 -17.17 -17.32
CA THR A 191 19.42 -18.06 -16.37
C THR A 191 20.88 -17.62 -16.11
N ASP A 192 21.23 -16.37 -16.41
CA ASP A 192 22.59 -15.86 -16.20
C ASP A 192 22.52 -14.62 -15.31
N TRP A 193 23.07 -14.70 -14.08
CA TRP A 193 23.04 -13.54 -13.19
C TRP A 193 23.84 -12.33 -13.72
N GLN A 194 24.73 -12.56 -14.69
CA GLN A 194 25.53 -11.48 -15.25
C GLN A 194 24.91 -10.84 -16.50
N LYS A 195 23.88 -11.46 -17.10
CA LYS A 195 23.26 -10.99 -18.33
C LYS A 195 22.28 -9.84 -18.14
N ALA A 196 22.50 -8.72 -18.85
CA ALA A 196 21.60 -7.57 -18.77
C ALA A 196 20.30 -7.86 -19.51
N GLU A 197 19.19 -7.73 -18.79
CA GLU A 197 17.85 -7.97 -19.31
C GLU A 197 16.95 -6.82 -18.90
N ARG A 198 15.83 -6.63 -19.61
CA ARG A 198 14.82 -5.64 -19.22
C ARG A 198 14.32 -5.98 -17.80
N GLY A 199 14.12 -4.98 -16.95
CA GLY A 199 13.65 -5.17 -15.58
C GLY A 199 12.53 -6.18 -15.37
N ASP A 200 11.58 -6.25 -16.29
CA ASP A 200 10.47 -7.19 -16.17
C ASP A 200 10.93 -8.64 -16.40
N ILE A 201 11.80 -8.87 -17.39
CA ILE A 201 12.36 -10.20 -17.66
C ILE A 201 13.27 -10.62 -16.51
N LEU A 202 14.06 -9.67 -16.00
CA LEU A 202 14.94 -9.92 -14.87
C LEU A 202 14.15 -10.38 -13.63
N LEU A 203 13.12 -9.61 -13.22
CA LEU A 203 12.32 -9.95 -12.05
C LEU A 203 11.47 -11.17 -12.25
N SER A 204 10.95 -11.42 -13.47
CA SER A 204 10.16 -12.61 -13.75
C SER A 204 11.03 -13.85 -13.65
N SER A 205 12.28 -13.76 -14.16
CA SER A 205 13.23 -14.88 -14.12
C SER A 205 13.60 -15.21 -12.68
N LEU A 206 13.79 -14.17 -11.84
CA LEU A 206 14.09 -14.31 -10.41
C LEU A 206 12.89 -14.91 -9.64
N ILE A 207 11.66 -14.39 -9.86
CA ILE A 207 10.48 -14.90 -9.18
C ILE A 207 10.21 -16.34 -9.58
N ARG A 208 10.38 -16.67 -10.88
CA ARG A 208 10.16 -18.05 -11.37
C ARG A 208 11.24 -19.02 -10.96
N LYS A 209 12.29 -18.54 -10.30
CA LYS A 209 13.42 -19.32 -9.83
C LYS A 209 14.27 -19.89 -10.98
N LYS A 210 14.37 -19.14 -12.07
CA LYS A 210 15.22 -19.46 -13.21
C LYS A 210 16.62 -18.90 -12.94
N LEU A 211 16.67 -17.71 -12.34
CA LEU A 211 17.87 -17.00 -11.98
C LEU A 211 18.12 -17.30 -10.52
N LEU A 212 19.28 -17.91 -10.18
CA LEU A 212 19.66 -18.33 -8.82
C LEU A 212 18.57 -19.23 -8.24
N PRO A 213 18.32 -20.40 -8.85
CA PRO A 213 17.16 -21.22 -8.45
C PRO A 213 17.02 -21.59 -6.98
N GLU A 214 18.11 -21.71 -6.22
CA GLU A 214 18.02 -22.07 -4.81
C GLU A 214 18.15 -20.89 -3.85
N ALA A 215 18.22 -19.66 -4.38
CA ALA A 215 18.21 -18.47 -3.53
C ALA A 215 16.77 -18.35 -2.95
N SER A 216 16.64 -17.81 -1.73
CA SER A 216 15.31 -17.61 -1.15
C SER A 216 14.73 -16.27 -1.60
N LEU A 217 13.41 -16.19 -1.60
CA LEU A 217 12.69 -15.03 -2.06
C LEU A 217 11.52 -14.75 -1.14
N LEU A 218 11.44 -13.51 -0.66
CA LEU A 218 10.30 -13.10 0.16
C LEU A 218 9.65 -11.93 -0.58
N ILE A 219 8.45 -12.15 -1.11
CA ILE A 219 7.74 -11.10 -1.84
C ILE A 219 6.56 -10.57 -1.01
N THR A 220 6.46 -9.25 -0.87
CA THR A 220 5.32 -8.65 -0.19
C THR A 220 4.44 -8.04 -1.25
N THR A 221 3.10 -8.19 -1.15
CA THR A 221 2.17 -7.64 -2.13
C THR A 221 0.76 -7.36 -1.56
N ARG A 222 0.05 -6.41 -2.18
CA ARG A 222 -1.35 -6.15 -1.89
C ARG A 222 -2.13 -7.33 -2.48
N PRO A 223 -3.23 -7.77 -1.86
CA PRO A 223 -3.95 -8.94 -2.39
C PRO A 223 -4.46 -8.79 -3.82
N VAL A 224 -4.59 -7.55 -4.29
CA VAL A 224 -5.06 -7.20 -5.62
C VAL A 224 -4.08 -7.73 -6.71
N ALA A 225 -2.77 -7.71 -6.42
CA ALA A 225 -1.77 -8.19 -7.38
C ALA A 225 -1.47 -9.69 -7.26
N LEU A 226 -2.05 -10.40 -6.27
CA LEU A 226 -1.85 -11.83 -6.09
C LEU A 226 -2.25 -12.62 -7.32
N GLU A 227 -3.24 -12.13 -8.07
CA GLU A 227 -3.67 -12.79 -9.29
C GLU A 227 -2.53 -12.84 -10.30
N LYS A 228 -1.84 -11.69 -10.52
CA LYS A 228 -0.70 -11.55 -11.42
C LYS A 228 0.49 -12.39 -10.95
N LEU A 229 0.79 -12.37 -9.65
CA LEU A 229 1.93 -13.05 -9.06
C LEU A 229 1.83 -14.58 -9.00
N GLN A 230 0.67 -15.14 -8.65
CA GLN A 230 0.51 -16.59 -8.51
C GLN A 230 0.95 -17.40 -9.73
N HIS A 231 0.82 -16.85 -10.93
CA HIS A 231 1.24 -17.52 -12.16
C HIS A 231 2.77 -17.70 -12.26
N LEU A 232 3.53 -16.82 -11.63
CA LEU A 232 4.97 -16.88 -11.66
C LEU A 232 5.54 -17.78 -10.55
N LEU A 233 4.83 -17.91 -9.43
CA LEU A 233 5.32 -18.61 -8.25
C LEU A 233 5.53 -20.11 -8.36
N ASP A 234 6.65 -20.55 -7.77
CA ASP A 234 7.05 -21.95 -7.73
C ASP A 234 6.97 -22.42 -6.28
N HIS A 235 5.93 -23.23 -5.94
CA HIS A 235 5.70 -23.78 -4.61
C HIS A 235 5.84 -22.73 -3.50
N PRO A 236 5.03 -21.66 -3.54
CA PRO A 236 5.19 -20.62 -2.51
C PRO A 236 4.51 -20.96 -1.19
N ARG A 237 5.09 -20.48 -0.11
CA ARG A 237 4.45 -20.58 1.20
C ARG A 237 3.72 -19.24 1.29
N HIS A 238 2.40 -19.30 1.47
CA HIS A 238 1.60 -18.08 1.54
C HIS A 238 1.34 -17.66 2.96
N VAL A 239 1.63 -16.40 3.26
CA VAL A 239 1.39 -15.84 4.58
C VAL A 239 0.56 -14.57 4.43
N GLU A 240 -0.39 -14.35 5.33
CA GLU A 240 -1.23 -13.17 5.29
C GLU A 240 -0.93 -12.26 6.46
N ILE A 241 -0.74 -10.96 6.19
CA ILE A 241 -0.50 -9.98 7.24
C ILE A 241 -1.88 -9.44 7.58
N LEU A 242 -2.37 -9.71 8.79
CA LEU A 242 -3.69 -9.25 9.22
C LEU A 242 -3.68 -7.86 9.85
N GLY A 243 -2.51 -7.36 10.22
CA GLY A 243 -2.39 -6.04 10.82
C GLY A 243 -2.38 -6.09 12.33
N PHE A 244 -2.98 -5.07 12.95
CA PHE A 244 -3.04 -4.97 14.39
C PHE A 244 -4.21 -5.68 15.01
N SER A 245 -3.93 -6.41 16.09
CA SER A 245 -4.99 -7.03 16.87
C SER A 245 -5.63 -5.89 17.70
N GLU A 246 -6.74 -6.17 18.43
CA GLU A 246 -7.35 -5.15 19.29
C GLU A 246 -6.35 -4.72 20.37
N ALA A 247 -5.59 -5.71 20.92
CA ALA A 247 -4.53 -5.47 21.89
C ALA A 247 -3.40 -4.60 21.31
N LYS A 248 -2.95 -4.90 20.08
CA LYS A 248 -1.89 -4.11 19.43
C LYS A 248 -2.35 -2.72 18.96
N ARG A 249 -3.67 -2.51 18.79
CA ARG A 249 -4.19 -1.19 18.43
C ARG A 249 -3.98 -0.27 19.63
N LYS A 250 -4.31 -0.78 20.85
CA LYS A 250 -4.14 -0.06 22.10
C LYS A 250 -2.67 0.22 22.32
N GLU A 251 -1.83 -0.82 22.12
CA GLU A 251 -0.38 -0.72 22.26
C GLU A 251 0.18 0.38 21.37
N TYR A 252 -0.29 0.46 20.11
CA TYR A 252 0.13 1.51 19.20
C TYR A 252 -0.19 2.89 19.74
N PHE A 253 -1.45 3.13 20.14
CA PHE A 253 -1.90 4.43 20.67
C PHE A 253 -1.08 4.84 21.87
N PHE A 254 -0.78 3.88 22.75
CA PHE A 254 0.03 4.13 23.94
C PHE A 254 1.51 4.39 23.62
N LYS A 255 2.00 3.89 22.48
CA LYS A 255 3.37 4.13 22.01
C LYS A 255 3.46 5.46 21.24
N TYR A 256 2.38 5.85 20.53
CA TYR A 256 2.36 7.06 19.73
C TYR A 256 2.34 8.26 20.66
N PHE A 257 1.45 8.22 21.67
CA PHE A 257 1.33 9.31 22.63
C PHE A 257 2.22 9.07 23.85
N SER A 258 3.17 9.98 24.05
CA SER A 258 4.13 9.98 25.14
C SER A 258 3.39 10.12 26.48
N ASP A 259 2.41 11.02 26.54
CA ASP A 259 1.60 11.25 27.73
C ASP A 259 0.56 10.14 27.84
N GLU A 260 0.58 9.36 28.94
CA GLU A 260 -0.35 8.26 29.15
C GLU A 260 -1.82 8.70 29.19
N ALA A 261 -2.07 9.95 29.65
CA ALA A 261 -3.42 10.52 29.73
C ALA A 261 -3.97 10.80 28.32
N GLN A 262 -3.11 11.27 27.41
CA GLN A 262 -3.49 11.54 26.03
C GLN A 262 -3.74 10.23 25.29
N ALA A 263 -2.91 9.21 25.53
CA ALA A 263 -3.04 7.91 24.88
C ALA A 263 -4.34 7.24 25.28
N ARG A 264 -4.72 7.35 26.57
CA ARG A 264 -5.96 6.73 27.03
C ARG A 264 -7.19 7.45 26.48
N ALA A 265 -7.10 8.78 26.31
CA ALA A 265 -8.20 9.57 25.75
C ALA A 265 -8.37 9.29 24.27
N ALA A 266 -7.25 9.17 23.52
CA ALA A 266 -7.30 8.88 22.09
C ALA A 266 -7.78 7.46 21.84
N PHE A 267 -7.33 6.48 22.65
CA PHE A 267 -7.78 5.12 22.48
C PHE A 267 -9.26 4.97 22.86
N SER A 268 -9.71 5.72 23.89
CA SER A 268 -11.13 5.67 24.29
C SER A 268 -12.05 6.24 23.20
N LEU A 269 -11.56 7.22 22.42
CA LEU A 269 -12.30 7.78 21.30
C LEU A 269 -12.57 6.69 20.25
N ILE A 270 -11.54 5.89 19.96
CA ILE A 270 -11.57 4.79 19.00
C ILE A 270 -12.51 3.68 19.48
N GLN A 271 -12.46 3.36 20.78
CA GLN A 271 -13.32 2.35 21.41
C GLN A 271 -14.80 2.73 21.29
N GLU A 272 -15.11 4.03 21.39
CA GLU A 272 -16.48 4.53 21.31
C GLU A 272 -17.02 4.57 19.87
N ASN A 273 -16.15 4.68 18.87
CA ASN A 273 -16.53 4.79 17.45
C ASN A 273 -16.27 3.47 16.72
N GLU A 274 -17.33 2.73 16.39
CA GLU A 274 -17.24 1.45 15.70
C GLU A 274 -16.39 1.50 14.43
N VAL A 275 -16.59 2.51 13.58
CA VAL A 275 -15.84 2.64 12.34
C VAL A 275 -14.34 2.76 12.58
N LEU A 276 -13.91 3.71 13.44
CA LEU A 276 -12.50 3.89 13.74
C LEU A 276 -11.91 2.69 14.44
N PHE A 277 -12.64 2.10 15.39
CA PHE A 277 -12.16 0.92 16.09
C PHE A 277 -11.88 -0.23 15.12
N THR A 278 -12.80 -0.45 14.18
CA THR A 278 -12.72 -1.49 13.16
C THR A 278 -11.61 -1.21 12.13
N MET A 279 -11.51 0.02 11.62
CA MET A 279 -10.47 0.39 10.65
C MET A 279 -9.07 0.40 11.23
N CYS A 280 -8.93 0.54 12.57
CA CYS A 280 -7.62 0.64 13.17
C CYS A 280 -6.86 -0.68 13.24
N PHE A 281 -7.38 -1.75 12.59
CA PHE A 281 -6.58 -2.96 12.41
C PHE A 281 -5.44 -2.62 11.38
N ILE A 282 -5.61 -1.59 10.52
CA ILE A 282 -4.62 -1.14 9.57
C ILE A 282 -3.70 -0.14 10.28
N PRO A 283 -2.40 -0.45 10.41
CA PRO A 283 -1.47 0.45 11.11
C PRO A 283 -1.36 1.85 10.50
N LEU A 284 -1.57 1.98 9.18
CA LEU A 284 -1.57 3.30 8.54
C LEU A 284 -2.76 4.11 9.08
N VAL A 285 -3.93 3.46 9.26
CA VAL A 285 -5.10 4.11 9.83
C VAL A 285 -4.81 4.55 11.26
N CYS A 286 -4.13 3.71 12.07
CA CYS A 286 -3.71 4.10 13.43
C CYS A 286 -2.86 5.37 13.39
N TRP A 287 -1.89 5.42 12.46
CA TRP A 287 -1.03 6.58 12.32
C TRP A 287 -1.83 7.82 11.89
N ILE A 288 -2.70 7.69 10.89
CA ILE A 288 -3.52 8.78 10.39
C ILE A 288 -4.40 9.36 11.49
N VAL A 289 -5.10 8.49 12.22
CA VAL A 289 -5.99 8.88 13.31
C VAL A 289 -5.22 9.53 14.44
N CYS A 290 -4.11 8.91 14.88
CA CYS A 290 -3.27 9.46 15.95
C CYS A 290 -2.73 10.83 15.58
N THR A 291 -2.28 11.00 14.34
CA THR A 291 -1.72 12.27 13.89
C THR A 291 -2.75 13.39 13.92
N GLY A 292 -3.97 13.11 13.48
CA GLY A 292 -5.05 14.09 13.47
C GLY A 292 -5.51 14.44 14.88
N LEU A 293 -5.62 13.43 15.74
CA LEU A 293 -6.01 13.64 17.14
C LEU A 293 -4.96 14.46 17.91
N LYS A 294 -3.69 14.41 17.48
CA LYS A 294 -2.64 15.17 18.13
C LYS A 294 -2.87 16.67 17.96
N GLN A 295 -3.26 17.08 16.74
CA GLN A 295 -3.52 18.49 16.47
C GLN A 295 -4.75 19.00 17.25
N GLN A 296 -5.76 18.14 17.42
CA GLN A 296 -6.94 18.46 18.20
C GLN A 296 -6.55 18.68 19.65
N MET A 297 -5.59 17.89 20.16
CA MET A 297 -5.09 18.00 21.51
C MET A 297 -4.34 19.31 21.70
N GLU A 298 -3.65 19.80 20.65
CA GLU A 298 -2.96 21.08 20.69
C GLU A 298 -3.98 22.20 20.87
N SER A 299 -5.10 22.13 20.13
CA SER A 299 -6.18 23.12 20.19
C SER A 299 -7.24 22.80 21.25
N SER A 302 -11.92 17.86 24.53
CA SER A 302 -12.04 18.43 23.17
C SER A 302 -12.10 17.33 22.09
N LEU A 303 -11.48 16.17 22.37
CA LEU A 303 -11.37 15.04 21.46
C LEU A 303 -12.69 14.50 20.92
N ALA A 304 -12.86 14.59 19.59
CA ALA A 304 -14.04 14.12 18.89
C ALA A 304 -13.75 13.86 17.42
N GLN A 305 -13.95 12.63 16.98
CA GLN A 305 -13.82 12.27 15.58
C GLN A 305 -14.99 11.39 15.21
N THR A 306 -15.86 11.89 14.34
CA THR A 306 -17.07 11.17 13.96
C THR A 306 -16.99 10.59 12.55
N SER A 307 -15.78 10.27 12.08
CA SER A 307 -15.56 9.74 10.75
C SER A 307 -16.25 8.39 10.55
N LYS A 308 -17.00 8.28 9.46
CA LYS A 308 -17.74 7.08 9.14
C LYS A 308 -17.18 6.31 7.93
N THR A 309 -16.34 6.94 7.11
CA THR A 309 -15.77 6.30 5.94
C THR A 309 -14.25 6.53 5.88
N THR A 310 -13.50 5.78 5.02
CA THR A 310 -12.06 6.05 4.89
C THR A 310 -11.89 7.46 4.23
N THR A 311 -12.81 7.92 3.36
CA THR A 311 -12.75 9.26 2.79
C THR A 311 -12.84 10.30 3.92
N ALA A 312 -13.78 10.10 4.88
CA ALA A 312 -13.94 10.98 6.04
C ALA A 312 -12.67 11.05 6.89
N VAL A 313 -12.00 9.89 7.05
CA VAL A 313 -10.77 9.75 7.81
C VAL A 313 -9.63 10.51 7.11
N TYR A 314 -9.54 10.39 5.79
CA TYR A 314 -8.51 11.08 5.00
C TYR A 314 -8.74 12.57 4.95
N VAL A 315 -10.00 13.00 4.84
CA VAL A 315 -10.36 14.40 4.82
C VAL A 315 -10.09 15.00 6.20
N PHE A 316 -10.43 14.28 7.29
CA PHE A 316 -10.18 14.74 8.66
C PHE A 316 -8.69 14.96 8.87
N PHE A 317 -7.85 14.06 8.36
CA PHE A 317 -6.39 14.17 8.46
C PHE A 317 -5.88 15.38 7.69
N LEU A 318 -6.29 15.51 6.43
CA LEU A 318 -5.82 16.61 5.60
C LEU A 318 -6.33 17.97 6.07
N SER A 319 -7.53 18.00 6.65
CA SER A 319 -8.09 19.22 7.23
C SER A 319 -7.26 19.71 8.41
N SER A 320 -6.63 18.79 9.15
CA SER A 320 -5.78 19.14 10.29
C SER A 320 -4.49 19.87 9.85
N LEU A 321 -4.04 19.65 8.60
CA LEU A 321 -2.84 20.32 8.07
C LEU A 321 -3.13 21.75 7.58
N LEU A 322 -4.42 22.06 7.26
CA LEU A 322 -4.85 23.37 6.76
C LEU A 322 -4.73 24.50 7.81
N GLN A 323 -3.93 25.54 7.49
CA GLN A 323 -3.72 26.70 8.36
C GLN A 323 -4.74 27.82 8.09
N CYS A 334 -3.00 23.81 0.77
CA CYS A 334 -4.30 24.32 0.39
C CYS A 334 -4.24 25.26 -0.83
N ALA A 335 -3.18 26.06 -0.92
CA ALA A 335 -2.97 26.94 -2.07
C ALA A 335 -2.50 26.09 -3.27
N HIS A 336 -1.68 25.05 -2.99
CA HIS A 336 -1.14 24.14 -3.99
C HIS A 336 -2.03 22.88 -4.12
N LEU A 337 -3.36 23.05 -4.09
CA LEU A 337 -4.27 21.92 -4.18
C LEU A 337 -4.32 21.43 -5.62
N TRP A 338 -4.41 22.35 -6.58
CA TRP A 338 -4.42 21.98 -8.01
C TRP A 338 -3.07 21.38 -8.45
N GLY A 339 -1.99 21.81 -7.82
CA GLY A 339 -0.66 21.29 -8.11
C GLY A 339 -0.45 19.92 -7.50
N LEU A 340 -0.92 19.70 -6.27
CA LEU A 340 -0.81 18.41 -5.59
C LEU A 340 -1.65 17.36 -6.29
N CYS A 341 -2.85 17.74 -6.74
CA CYS A 341 -3.78 16.83 -7.40
C CYS A 341 -3.33 16.46 -8.80
N SER A 342 -2.80 17.42 -9.55
CA SER A 342 -2.30 17.14 -10.89
C SER A 342 -1.02 16.30 -10.81
N LEU A 343 -0.17 16.52 -9.79
CA LEU A 343 1.06 15.74 -9.59
C LEU A 343 0.70 14.28 -9.34
N ALA A 344 -0.29 14.05 -8.48
CA ALA A 344 -0.76 12.73 -8.13
C ALA A 344 -1.41 12.05 -9.32
N ALA A 345 -2.27 12.77 -10.07
CA ALA A 345 -2.93 12.18 -11.24
C ALA A 345 -1.95 11.84 -12.36
N ASP A 346 -0.92 12.68 -12.54
CA ASP A 346 0.13 12.45 -13.53
C ASP A 346 0.96 11.23 -13.09
N GLY A 347 1.29 11.15 -11.81
CA GLY A 347 2.06 10.03 -11.27
C GLY A 347 1.32 8.71 -11.31
N ILE A 348 -0.02 8.73 -11.28
CA ILE A 348 -0.82 7.51 -11.34
C ILE A 348 -0.98 7.09 -12.79
N TRP A 349 -1.34 8.02 -13.66
CA TRP A 349 -1.58 7.68 -15.07
C TRP A 349 -0.30 7.42 -15.83
N ASN A 350 0.79 8.11 -15.49
CA ASN A 350 2.07 7.89 -16.16
C ASN A 350 3.05 6.98 -15.39
N GLN A 351 2.61 6.39 -14.27
CA GLN A 351 3.37 5.49 -13.44
C GLN A 351 4.70 6.05 -12.95
N LYS A 352 4.60 6.96 -11.99
CA LYS A 352 5.72 7.59 -11.31
C LYS A 352 5.31 7.74 -9.87
N ILE A 353 5.96 7.00 -9.01
CA ILE A 353 5.71 7.04 -7.58
C ILE A 353 6.79 7.93 -6.92
N LEU A 354 8.02 7.93 -7.46
CA LEU A 354 9.11 8.76 -6.99
C LEU A 354 9.22 9.94 -7.95
N PHE A 355 9.22 11.15 -7.41
CA PHE A 355 9.28 12.38 -8.16
C PHE A 355 10.58 13.11 -7.87
N GLU A 356 11.18 13.72 -8.90
CA GLU A 356 12.40 14.50 -8.73
C GLU A 356 12.04 15.94 -8.36
N GLU A 357 13.02 16.78 -8.03
CA GLU A 357 12.77 18.19 -7.76
C GLU A 357 12.15 18.89 -9.01
N SER A 358 12.58 18.42 -10.22
CA SER A 358 12.11 18.88 -11.53
C SER A 358 10.64 18.56 -11.76
N ASP A 359 10.20 17.38 -11.31
CA ASP A 359 8.81 16.93 -11.44
C ASP A 359 7.86 17.80 -10.62
N LEU A 360 8.21 18.10 -9.35
CA LEU A 360 7.40 18.95 -8.48
C LEU A 360 7.40 20.39 -8.98
N ARG A 361 8.52 20.84 -9.58
CA ARG A 361 8.61 22.19 -10.14
C ARG A 361 7.63 22.37 -11.30
N ASN A 362 7.47 21.31 -12.12
CA ASN A 362 6.52 21.30 -13.24
C ASN A 362 5.07 21.49 -12.77
N HIS A 363 4.76 21.04 -11.55
CA HIS A 363 3.42 21.18 -10.99
C HIS A 363 3.28 22.38 -10.02
N GLY A 364 4.20 23.34 -10.09
CA GLY A 364 4.17 24.55 -9.28
C GLY A 364 4.53 24.43 -7.80
N LEU A 365 5.36 23.47 -7.45
CA LEU A 365 5.77 23.29 -6.05
C LEU A 365 7.19 23.81 -5.84
N GLN A 366 7.32 25.03 -5.29
CA GLN A 366 8.62 25.65 -5.02
C GLN A 366 9.33 25.07 -3.77
N LYS A 367 10.60 25.46 -3.51
CA LYS A 367 11.42 24.98 -2.38
C LYS A 367 10.73 25.05 -1.01
N ALA A 368 10.10 26.20 -0.68
CA ALA A 368 9.41 26.38 0.60
C ALA A 368 8.14 25.52 0.70
N ASP A 369 7.51 25.22 -0.45
CA ASP A 369 6.29 24.40 -0.51
C ASP A 369 6.63 22.94 -0.29
N VAL A 370 7.64 22.40 -0.99
CA VAL A 370 8.04 21.00 -0.82
C VAL A 370 8.58 20.75 0.61
N SER A 371 9.20 21.77 1.24
CA SER A 371 9.69 21.66 2.61
C SER A 371 8.52 21.69 3.61
N ALA A 372 7.45 22.44 3.30
CA ALA A 372 6.26 22.52 4.14
C ALA A 372 5.46 21.22 4.07
N PHE A 373 5.38 20.60 2.89
CA PHE A 373 4.69 19.32 2.74
C PHE A 373 5.46 18.19 3.43
N LEU A 374 6.79 18.27 3.43
CA LEU A 374 7.65 17.30 4.11
C LEU A 374 7.44 17.39 5.62
N ARG A 375 7.29 18.63 6.15
CA ARG A 375 7.06 18.89 7.57
C ARG A 375 5.65 18.47 8.00
N MET A 376 4.65 18.71 7.14
CA MET A 376 3.26 18.33 7.42
C MET A 376 3.00 16.82 7.31
N ASN A 377 3.99 16.03 6.87
CA ASN A 377 3.90 14.59 6.66
C ASN A 377 2.96 14.26 5.51
N LEU A 378 3.06 15.04 4.43
CA LEU A 378 2.32 14.83 3.18
C LEU A 378 3.27 14.29 2.11
N PHE A 379 4.54 14.74 2.14
CA PHE A 379 5.61 14.28 1.29
C PHE A 379 6.66 13.52 2.13
N GLN A 380 7.40 12.65 1.46
CA GLN A 380 8.40 11.78 2.03
C GLN A 380 9.69 11.94 1.27
N LYS A 381 10.81 11.99 1.98
CA LYS A 381 12.11 12.07 1.34
C LYS A 381 12.54 10.63 1.12
N GLU A 382 12.93 10.30 -0.11
CA GLU A 382 13.35 8.94 -0.44
C GLU A 382 14.75 8.95 -1.13
N VAL A 383 15.65 8.02 -0.72
CA VAL A 383 17.05 7.82 -1.17
C VAL A 383 17.63 8.97 -2.02
N LYS A 387 17.69 12.31 -3.92
CA LYS A 387 16.86 13.44 -4.34
C LYS A 387 15.54 13.01 -5.00
N PHE A 388 14.79 12.17 -4.29
CA PHE A 388 13.50 11.67 -4.73
C PHE A 388 12.46 11.92 -3.67
N TYR A 389 11.23 12.20 -4.09
CA TYR A 389 10.13 12.47 -3.17
C TYR A 389 8.92 11.66 -3.57
N SER A 390 8.08 11.35 -2.61
CA SER A 390 6.84 10.61 -2.87
C SER A 390 5.80 11.03 -1.82
N PHE A 391 4.51 10.70 -2.06
CA PHE A 391 3.49 11.00 -1.03
C PHE A 391 3.73 10.05 0.17
N ILE A 392 3.40 10.48 1.39
CA ILE A 392 3.65 9.71 2.60
C ILE A 392 3.15 8.23 2.51
N HIS A 393 2.17 7.97 1.64
CA HIS A 393 1.67 6.64 1.33
C HIS A 393 0.96 6.70 -0.01
N MET A 394 0.96 5.59 -0.74
CA MET A 394 0.32 5.51 -2.05
C MET A 394 -1.19 5.82 -1.96
N THR A 395 -1.83 5.53 -0.81
CA THR A 395 -3.24 5.85 -0.63
C THR A 395 -3.48 7.37 -0.71
N PHE A 396 -2.51 8.17 -0.26
CA PHE A 396 -2.60 9.63 -0.35
C PHE A 396 -2.42 10.10 -1.80
N GLN A 397 -1.54 9.43 -2.58
CA GLN A 397 -1.39 9.75 -3.99
C GLN A 397 -2.69 9.43 -4.73
N GLU A 398 -3.39 8.34 -4.35
CA GLU A 398 -4.66 8.00 -4.98
C GLU A 398 -5.79 8.94 -4.51
N PHE A 399 -5.69 9.50 -3.28
CA PHE A 399 -6.67 10.46 -2.77
C PHE A 399 -6.59 11.75 -3.57
N PHE A 400 -5.36 12.24 -3.82
CA PHE A 400 -5.17 13.45 -4.58
C PHE A 400 -5.47 13.25 -6.07
N ALA A 401 -5.31 12.02 -6.59
CA ALA A 401 -5.66 11.71 -7.98
C ALA A 401 -7.16 11.70 -8.14
N ALA A 402 -7.92 11.22 -7.13
CA ALA A 402 -9.39 11.24 -7.18
C ALA A 402 -9.87 12.70 -7.10
N MET A 403 -9.25 13.49 -6.23
CA MET A 403 -9.56 14.90 -6.04
C MET A 403 -9.33 15.73 -7.29
N TYR A 404 -8.36 15.32 -8.14
CA TYR A 404 -8.03 15.98 -9.40
C TYR A 404 -9.24 15.99 -10.34
N TYR A 405 -10.00 14.89 -10.36
CA TYR A 405 -11.18 14.76 -11.20
C TYR A 405 -12.37 15.62 -10.77
N LEU A 406 -12.36 16.13 -9.54
CA LEU A 406 -13.47 16.92 -9.02
C LEU A 406 -13.15 18.38 -8.76
N LEU A 407 -11.88 18.81 -8.89
CA LEU A 407 -11.51 20.20 -8.63
C LEU A 407 -12.20 21.21 -9.54
N GLU A 408 -12.64 22.34 -8.96
CA GLU A 408 -13.22 23.47 -9.69
C GLU A 408 -12.09 24.51 -9.86
N GLU A 409 -12.04 25.24 -10.99
CA GLU A 409 -11.04 26.30 -11.17
C GLU A 409 -11.68 27.66 -11.47
N SER A 426 -9.17 18.23 -13.87
CA SER A 426 -10.42 17.51 -14.10
C SER A 426 -10.38 16.77 -15.44
N ARG A 427 -10.12 15.44 -15.42
CA ARG A 427 -10.05 14.65 -16.65
C ARG A 427 -11.32 13.76 -16.83
N ASP A 428 -11.32 12.90 -17.86
CA ASP A 428 -12.44 12.04 -18.22
C ASP A 428 -12.48 10.77 -17.36
N VAL A 429 -13.48 10.70 -16.47
CA VAL A 429 -13.69 9.56 -15.58
C VAL A 429 -14.00 8.26 -16.37
N THR A 430 -14.52 8.37 -17.60
CA THR A 430 -14.83 7.21 -18.44
C THR A 430 -13.58 6.42 -18.80
N VAL A 431 -12.51 7.12 -19.18
CA VAL A 431 -11.23 6.49 -19.54
C VAL A 431 -10.55 5.91 -18.27
N LEU A 432 -10.72 6.59 -17.13
CA LEU A 432 -10.19 6.15 -15.85
C LEU A 432 -10.85 4.82 -15.46
N LEU A 433 -12.18 4.72 -15.61
CA LEU A 433 -12.92 3.49 -15.28
C LEU A 433 -12.57 2.33 -16.23
N GLU A 434 -12.14 2.64 -17.46
CA GLU A 434 -11.72 1.62 -18.44
C GLU A 434 -10.43 0.94 -17.98
N ASN A 435 -9.53 1.69 -17.32
CA ASN A 435 -8.28 1.14 -16.82
C ASN A 435 -8.35 0.62 -15.38
N TYR A 436 -9.54 0.61 -14.77
CA TYR A 436 -9.72 0.14 -13.42
C TYR A 436 -9.38 -1.34 -13.34
N GLY A 437 -8.65 -1.72 -12.31
CA GLY A 437 -8.28 -3.11 -12.07
C GLY A 437 -7.11 -3.59 -12.90
N LYS A 438 -6.36 -2.66 -13.49
CA LYS A 438 -5.21 -3.01 -14.30
C LYS A 438 -3.95 -2.76 -13.52
N PHE A 439 -3.02 -3.73 -13.54
CA PHE A 439 -1.74 -3.62 -12.86
C PHE A 439 -0.95 -2.42 -13.40
N GLU A 440 -1.01 -2.19 -14.73
CA GLU A 440 -0.31 -1.09 -15.44
C GLU A 440 -0.60 0.27 -14.83
N LYS A 441 -1.79 0.44 -14.24
CA LYS A 441 -2.16 1.70 -13.62
C LYS A 441 -2.17 1.69 -12.10
N GLY A 442 -1.78 0.59 -11.49
CA GLY A 442 -1.78 0.45 -10.04
C GLY A 442 -3.09 -0.05 -9.45
N TYR A 443 -4.03 -0.43 -10.34
CA TYR A 443 -5.37 -0.97 -10.10
C TYR A 443 -6.44 0.07 -9.82
N LEU A 444 -6.05 1.32 -9.46
CA LEU A 444 -6.99 2.42 -9.17
C LEU A 444 -8.07 2.09 -8.12
N ILE A 445 -7.73 1.28 -7.11
CA ILE A 445 -8.69 0.88 -6.08
C ILE A 445 -9.09 2.06 -5.21
N PHE A 446 -8.10 2.81 -4.71
CA PHE A 446 -8.37 3.95 -3.86
C PHE A 446 -8.80 5.15 -4.63
N VAL A 447 -8.37 5.31 -5.90
CA VAL A 447 -8.83 6.45 -6.72
C VAL A 447 -10.35 6.36 -6.89
N VAL A 448 -10.86 5.16 -7.21
CA VAL A 448 -12.28 4.91 -7.39
C VAL A 448 -13.02 4.95 -6.05
N ARG A 449 -12.48 4.34 -4.98
CA ARG A 449 -13.13 4.40 -3.66
C ARG A 449 -13.26 5.85 -3.17
N PHE A 450 -12.20 6.66 -3.32
CA PHE A 450 -12.22 8.06 -2.91
C PHE A 450 -13.12 8.90 -3.81
N LEU A 451 -13.36 8.49 -5.06
CA LEU A 451 -14.27 9.21 -5.95
C LEU A 451 -15.69 9.05 -5.41
N PHE A 452 -16.07 7.82 -4.99
CA PHE A 452 -17.40 7.55 -4.44
C PHE A 452 -17.60 8.38 -3.17
N GLY A 453 -16.57 8.44 -2.33
CA GLY A 453 -16.64 9.18 -1.08
C GLY A 453 -16.73 10.68 -1.26
N LEU A 454 -15.84 11.26 -2.08
CA LEU A 454 -15.81 12.71 -2.30
C LEU A 454 -17.01 13.24 -3.08
N VAL A 455 -17.58 12.41 -3.93
CA VAL A 455 -18.75 12.78 -4.72
C VAL A 455 -20.01 12.91 -3.85
N ASN A 456 -20.01 12.36 -2.62
CA ASN A 456 -21.11 12.45 -1.70
C ASN A 456 -21.40 13.90 -1.34
N GLN A 457 -22.56 14.40 -1.81
CA GLN A 457 -23.03 15.76 -1.57
C GLN A 457 -23.44 15.99 -0.13
N GLU A 458 -23.95 14.93 0.54
CA GLU A 458 -24.33 14.97 1.96
C GLU A 458 -23.10 15.12 2.89
N ARG A 459 -21.92 15.42 2.34
CA ARG A 459 -20.70 15.62 3.08
C ARG A 459 -19.96 16.84 2.54
N THR A 460 -19.43 17.67 3.44
CA THR A 460 -18.67 18.86 3.08
C THR A 460 -17.61 19.23 4.14
N SER A 461 -16.64 20.07 3.74
CA SER A 461 -15.52 20.59 4.53
C SER A 461 -14.88 21.77 3.75
N TYR A 462 -13.93 22.51 4.34
CA TYR A 462 -13.26 23.61 3.62
C TYR A 462 -12.51 23.07 2.39
N LEU A 463 -11.91 21.87 2.54
CA LEU A 463 -11.19 21.14 1.48
C LEU A 463 -12.16 20.74 0.38
N GLU A 464 -13.32 20.20 0.74
CA GLU A 464 -14.32 19.77 -0.24
C GLU A 464 -15.10 20.94 -0.89
N LYS A 465 -15.03 22.14 -0.29
CA LYS A 465 -15.64 23.32 -0.88
C LYS A 465 -14.90 23.78 -2.16
N LYS A 466 -13.63 23.36 -2.33
CA LYS A 466 -12.84 23.64 -3.52
C LYS A 466 -13.27 22.76 -4.72
N LEU A 467 -14.09 21.72 -4.48
CA LEU A 467 -14.56 20.82 -5.54
C LEU A 467 -15.80 21.35 -6.23
N SER A 468 -15.94 21.05 -7.52
CA SER A 468 -17.07 21.49 -8.32
C SER A 468 -18.28 20.58 -8.18
N CYS A 469 -19.46 21.16 -7.87
CA CYS A 469 -20.74 20.43 -7.77
C CYS A 469 -21.23 19.96 -9.14
N LYS A 470 -20.86 20.70 -10.21
CA LYS A 470 -21.25 20.38 -11.57
C LYS A 470 -20.57 19.09 -11.99
N ILE A 471 -19.24 19.00 -11.82
CA ILE A 471 -18.46 17.82 -12.18
C ILE A 471 -18.79 16.64 -11.27
N SER A 472 -19.00 16.88 -9.97
CA SER A 472 -19.33 15.81 -9.02
C SER A 472 -20.66 15.15 -9.34
N GLN A 473 -21.62 15.93 -9.87
CA GLN A 473 -22.93 15.38 -10.22
C GLN A 473 -22.83 14.51 -11.47
N GLN A 474 -21.96 14.90 -12.42
CA GLN A 474 -21.72 14.17 -13.66
C GLN A 474 -21.01 12.86 -13.29
N ILE A 475 -19.97 12.95 -12.44
CA ILE A 475 -19.21 11.79 -12.00
C ILE A 475 -20.10 10.83 -11.19
N ARG A 476 -21.03 11.38 -10.39
CA ARG A 476 -21.96 10.57 -9.61
C ARG A 476 -22.83 9.70 -10.54
N LEU A 477 -23.28 10.26 -11.68
CA LEU A 477 -24.08 9.50 -12.64
C LEU A 477 -23.27 8.42 -13.35
N GLU A 478 -22.00 8.72 -13.67
CA GLU A 478 -21.10 7.78 -14.31
C GLU A 478 -20.76 6.61 -13.40
N LEU A 479 -20.55 6.87 -12.10
CA LEU A 479 -20.25 5.82 -11.13
C LEU A 479 -21.44 4.88 -10.98
N LEU A 480 -22.66 5.41 -11.03
CA LEU A 480 -23.85 4.59 -10.94
C LEU A 480 -24.01 3.70 -12.17
N LYS A 481 -23.67 4.22 -13.35
CA LYS A 481 -23.73 3.42 -14.58
C LYS A 481 -22.63 2.35 -14.61
N TRP A 482 -21.47 2.65 -14.00
CA TRP A 482 -20.33 1.75 -13.88
C TRP A 482 -20.69 0.57 -12.96
N ILE A 483 -21.31 0.86 -11.80
CA ILE A 483 -21.77 -0.17 -10.84
C ILE A 483 -22.76 -1.09 -11.53
N GLU A 484 -23.69 -0.52 -12.31
CA GLU A 484 -24.71 -1.27 -13.03
C GLU A 484 -24.14 -2.35 -13.93
N VAL A 485 -23.11 -2.01 -14.72
CA VAL A 485 -22.45 -2.94 -15.62
C VAL A 485 -21.68 -4.00 -14.86
N LYS A 486 -20.89 -3.59 -13.86
CA LYS A 486 -20.13 -4.52 -13.04
C LYS A 486 -21.05 -5.51 -12.34
N ALA A 487 -22.16 -5.02 -11.79
CA ALA A 487 -23.13 -5.83 -11.09
C ALA A 487 -23.94 -6.74 -12.02
N LYS A 488 -24.41 -6.20 -13.16
CA LYS A 488 -25.24 -6.95 -14.11
C LYS A 488 -24.48 -8.07 -14.80
N ALA A 489 -23.23 -7.80 -15.21
CA ALA A 489 -22.42 -8.84 -15.85
C ALA A 489 -21.75 -9.71 -14.79
N ILE A 494 -14.65 -10.15 -13.27
CA ILE A 494 -13.77 -10.52 -12.16
C ILE A 494 -12.88 -9.37 -11.66
N GLN A 495 -12.90 -8.19 -12.35
CA GLN A 495 -12.06 -7.05 -11.94
C GLN A 495 -12.50 -6.53 -10.54
N PRO A 496 -13.61 -5.75 -10.36
CA PRO A 496 -14.00 -5.39 -8.98
C PRO A 496 -14.91 -6.46 -8.41
N SER A 497 -14.53 -7.09 -7.31
CA SER A 497 -15.37 -8.12 -6.70
C SER A 497 -16.64 -7.47 -6.15
N GLN A 498 -17.64 -8.29 -5.75
CA GLN A 498 -18.87 -7.74 -5.17
C GLN A 498 -18.55 -7.02 -3.86
N LEU A 499 -17.65 -7.57 -3.05
CA LEU A 499 -17.21 -6.95 -1.82
C LEU A 499 -16.49 -5.63 -2.09
N GLU A 500 -15.72 -5.53 -3.18
CA GLU A 500 -15.06 -4.28 -3.53
C GLU A 500 -16.09 -3.24 -3.92
N LEU A 501 -17.16 -3.62 -4.64
CA LEU A 501 -18.24 -2.68 -4.94
C LEU A 501 -18.92 -2.18 -3.67
N PHE A 502 -19.01 -3.04 -2.64
CA PHE A 502 -19.55 -2.69 -1.34
C PHE A 502 -18.65 -1.70 -0.65
N TYR A 503 -17.32 -1.83 -0.76
CA TYR A 503 -16.41 -0.83 -0.17
C TYR A 503 -16.62 0.54 -0.83
N CYS A 504 -16.89 0.55 -2.14
CA CYS A 504 -17.15 1.75 -2.90
C CYS A 504 -18.47 2.36 -2.46
N LEU A 505 -19.54 1.55 -2.36
CA LEU A 505 -20.85 2.02 -1.94
C LEU A 505 -20.85 2.49 -0.51
N TYR A 506 -20.08 1.83 0.35
CA TYR A 506 -19.93 2.23 1.74
C TYR A 506 -19.31 3.62 1.82
N GLU A 507 -18.35 3.93 0.94
CA GLU A 507 -17.74 5.25 0.90
C GLU A 507 -18.76 6.30 0.50
N MET A 508 -19.63 5.97 -0.46
CA MET A 508 -20.66 6.86 -0.95
C MET A 508 -21.60 7.24 0.19
N GLN A 509 -22.04 6.25 1.00
CA GLN A 509 -22.89 6.41 2.20
C GLN A 509 -24.33 6.82 1.91
N GLU A 510 -24.53 7.90 1.12
CA GLU A 510 -25.78 8.49 0.68
C GLU A 510 -26.76 7.41 0.26
N GLU A 511 -27.87 7.27 0.99
CA GLU A 511 -28.85 6.19 0.79
C GLU A 511 -29.51 6.13 -0.59
N ASP A 512 -29.85 7.26 -1.25
CA ASP A 512 -30.50 7.18 -2.57
C ASP A 512 -29.61 6.46 -3.58
N PHE A 513 -28.34 6.86 -3.67
CA PHE A 513 -27.37 6.24 -4.56
C PHE A 513 -27.14 4.80 -4.15
N VAL A 514 -26.90 4.55 -2.86
CA VAL A 514 -26.64 3.20 -2.36
C VAL A 514 -27.79 2.24 -2.66
N GLN A 515 -29.02 2.68 -2.41
CA GLN A 515 -30.21 1.88 -2.64
C GLN A 515 -30.43 1.60 -4.12
N ARG A 516 -30.20 2.61 -4.98
CA ARG A 516 -30.34 2.43 -6.42
C ARG A 516 -29.30 1.45 -6.93
N ALA A 517 -28.06 1.58 -6.46
CA ALA A 517 -26.98 0.70 -6.88
C ALA A 517 -27.15 -0.72 -6.37
N MET A 518 -27.66 -0.89 -5.13
CA MET A 518 -27.88 -2.24 -4.60
C MET A 518 -28.94 -3.02 -5.38
N ASP A 519 -29.88 -2.31 -6.03
CA ASP A 519 -30.92 -2.95 -6.84
C ASP A 519 -30.36 -3.64 -8.07
N TYR A 520 -29.22 -3.18 -8.60
CA TYR A 520 -28.57 -3.76 -9.78
C TYR A 520 -28.06 -5.17 -9.54
N PHE A 521 -27.74 -5.52 -8.29
CA PHE A 521 -27.21 -6.84 -7.96
C PHE A 521 -28.30 -7.89 -8.04
N PRO A 522 -28.11 -8.91 -8.88
CA PRO A 522 -29.14 -9.97 -8.97
C PRO A 522 -29.17 -10.90 -7.75
N LYS A 523 -28.00 -11.11 -7.13
CA LYS A 523 -27.82 -11.97 -5.97
C LYS A 523 -26.60 -11.46 -5.18
N ILE A 524 -26.59 -11.67 -3.85
CA ILE A 524 -25.45 -11.27 -3.04
C ILE A 524 -24.51 -12.45 -2.91
N GLU A 525 -23.29 -12.31 -3.45
CA GLU A 525 -22.28 -13.36 -3.45
C GLU A 525 -20.98 -12.78 -2.92
N ILE A 526 -20.75 -12.89 -1.61
CA ILE A 526 -19.56 -12.31 -1.00
C ILE A 526 -18.75 -13.28 -0.12
N ASN A 527 -17.46 -12.96 0.02
CA ASN A 527 -16.55 -13.71 0.84
C ASN A 527 -16.01 -12.75 1.88
N LEU A 528 -16.48 -12.90 3.11
CA LEU A 528 -16.07 -12.02 4.20
C LEU A 528 -14.89 -12.62 4.95
N SER A 529 -13.89 -11.80 5.24
CA SER A 529 -12.71 -12.28 5.96
C SER A 529 -12.43 -11.50 7.23
N THR A 530 -12.74 -10.21 7.23
CA THR A 530 -12.44 -9.35 8.36
C THR A 530 -13.69 -8.68 8.95
N ARG A 531 -13.56 -8.07 10.14
CA ARG A 531 -14.66 -7.33 10.74
C ARG A 531 -14.98 -6.10 9.86
N MET A 532 -14.00 -5.56 9.10
CA MET A 532 -14.23 -4.43 8.18
C MET A 532 -15.13 -4.89 7.04
N ASP A 533 -14.92 -6.11 6.52
CA ASP A 533 -15.72 -6.69 5.46
C ASP A 533 -17.17 -6.80 5.93
N HIS A 534 -17.38 -7.24 7.17
CA HIS A 534 -18.70 -7.39 7.76
C HIS A 534 -19.37 -6.05 7.90
N MET A 535 -18.66 -5.03 8.38
CA MET A 535 -19.21 -3.70 8.58
C MET A 535 -19.71 -3.09 7.27
N VAL A 536 -18.86 -3.15 6.25
CA VAL A 536 -19.11 -2.63 4.92
C VAL A 536 -20.26 -3.37 4.21
N SER A 537 -20.20 -4.72 4.16
CA SER A 537 -21.23 -5.49 3.48
C SER A 537 -22.56 -5.42 4.23
N SER A 538 -22.53 -5.37 5.57
CA SER A 538 -23.76 -5.27 6.34
C SER A 538 -24.46 -3.95 6.06
N PHE A 539 -23.71 -2.85 5.88
CA PHE A 539 -24.30 -1.56 5.56
C PHE A 539 -24.98 -1.63 4.19
N CYS A 540 -24.32 -2.25 3.21
CA CYS A 540 -24.87 -2.32 1.86
C CYS A 540 -26.13 -3.19 1.80
N ILE A 541 -26.12 -4.33 2.49
CA ILE A 541 -27.26 -5.22 2.51
C ILE A 541 -28.46 -4.58 3.25
N GLU A 542 -28.23 -3.80 4.31
CA GLU A 542 -29.30 -3.08 5.01
C GLU A 542 -29.99 -2.02 4.10
N ASN A 543 -29.29 -1.55 3.05
CA ASN A 543 -29.83 -0.59 2.07
C ASN A 543 -30.20 -1.29 0.76
N CYS A 544 -30.51 -2.59 0.83
CA CYS A 544 -30.85 -3.38 -0.33
C CYS A 544 -32.20 -3.98 -0.05
N HIS A 545 -33.23 -3.17 -0.19
CA HIS A 545 -34.59 -3.64 0.05
C HIS A 545 -35.35 -3.51 -1.23
N ARG A 546 -35.98 -4.60 -1.68
CA ARG A 546 -36.77 -4.61 -2.92
C ARG A 546 -37.86 -3.53 -2.89
N VAL A 547 -38.10 -2.87 -4.04
CA VAL A 547 -39.11 -1.80 -4.16
C VAL A 547 -40.52 -2.23 -3.66
N GLU A 548 -40.92 -3.47 -3.99
CA GLU A 548 -42.23 -4.02 -3.62
C GLU A 548 -42.33 -4.51 -2.15
N SER A 549 -41.20 -4.91 -1.54
CA SER A 549 -41.12 -5.47 -0.18
C SER A 549 -41.92 -4.72 0.89
N LEU A 550 -42.51 -5.51 1.82
CA LEU A 550 -43.37 -5.17 2.98
C LEU A 550 -44.87 -5.27 2.64
#